data_4B64
#
_entry.id   4B64
#
_cell.length_a   77.620
_cell.length_b   84.748
_cell.length_c   145.534
_cell.angle_alpha   90.00
_cell.angle_beta   90.00
_cell.angle_gamma   90.00
#
_symmetry.space_group_name_H-M   'I 2 2 2'
#
loop_
_entity.id
_entity.type
_entity.pdbx_description
1 polymer 'L-ORNITHINE N5 MONOOXYGENASE'
2 non-polymer LYSINE
3 non-polymer 'FLAVIN-ADENINE DINUCLEOTIDE'
4 non-polymer 'NADP NICOTINAMIDE-ADENINE-DINUCLEOTIDE PHOSPHATE'
5 non-polymer 'SULFATE ION'
6 non-polymer GLYCEROL
7 water water
#
_entity_poly.entity_id   1
_entity_poly.type   'polypeptide(L)'
_entity_poly.pdbx_seq_one_letter_code
;MESVERKSESSYLGMRNMQPEQRLSLDPPRLRSTPQDELHDLLCVGFGPASLAIAIALHDALDPRLNKSASNIHAQPKIC
FLERQKQFAWHSGMLVPGSKMQISFIKDLATLRDPRSSFTFLNYLHQKGRLIHFTNLSTFLPARLEFEDYMRWCAQQFSD
VVAYGEEVVEVIPGKSDPSSSVVDFFTVRSRNVETGEISARRTRKVVIAIGGTAKMPSGLPQDPRIIHSSKYCTTLPALL
KDKSKPYNIAVLGSGQSAAEIFHDLQKRYPNSRTTLIMRDSAMRPSDDSPFVNEIFNPERVDKFYSQSAAERQRSLLADK
ATNYSVVRLELIEEIYNDMYLQRVKNPDETQWQHRILPERKITRVEHHGPQSRMRIHLKSSKPESEGAANDVKETLEVDA
LMVATGYNRNAHERLLSKVQHLRPTGQDQWKPHRDYRVEMDPSKVSSEAGIWLQGCNERTHGLSDSLLSVLAVRGGEMVQ
SIFGEQLERAAVQGHQLRAML
;
_entity_poly.pdbx_strand_id   A
#
# COMPACT_ATOMS: atom_id res chain seq x y z
N PRO A 28 9.15 26.76 13.52
CA PRO A 28 8.10 26.04 12.81
C PRO A 28 8.27 26.16 11.30
N PRO A 29 8.92 25.16 10.66
CA PRO A 29 9.19 25.22 9.23
C PRO A 29 7.96 24.86 8.39
N ARG A 30 7.73 25.63 7.33
CA ARG A 30 6.67 25.32 6.38
C ARG A 30 7.30 25.19 5.00
N LEU A 31 7.25 23.98 4.44
CA LEU A 31 7.80 23.70 3.12
C LEU A 31 7.06 24.47 2.02
N ARG A 32 7.80 25.34 1.33
CA ARG A 32 7.24 26.12 0.23
C ARG A 32 7.44 25.39 -1.09
N SER A 33 6.56 25.69 -2.05
CA SER A 33 6.60 25.04 -3.36
C SER A 33 7.80 25.49 -4.19
N THR A 34 8.28 24.58 -5.04
CA THR A 34 9.29 24.91 -6.03
C THR A 34 8.60 25.07 -7.38
N PRO A 35 8.94 26.14 -8.12
CA PRO A 35 8.43 26.25 -9.48
C PRO A 35 8.77 25.04 -10.33
N GLN A 36 7.83 24.63 -11.17
CA GLN A 36 7.94 23.46 -12.03
C GLN A 36 9.26 23.41 -12.82
N ASP A 37 9.73 24.57 -13.24
CA ASP A 37 10.88 24.71 -14.15
C ASP A 37 12.26 24.62 -13.48
N GLU A 38 12.28 24.60 -12.15
CA GLU A 38 13.54 24.56 -11.39
C GLU A 38 14.02 23.14 -11.15
N LEU A 39 15.34 22.97 -11.07
CA LEU A 39 15.93 21.68 -10.71
C LEU A 39 15.66 21.38 -9.23
N HIS A 40 15.00 20.27 -8.96
CA HIS A 40 14.66 19.87 -7.60
C HIS A 40 15.75 19.06 -6.97
N ASP A 41 15.80 19.06 -5.64
CA ASP A 41 16.69 18.18 -4.91
C ASP A 41 16.09 16.78 -4.83
N LEU A 42 14.77 16.73 -4.70
CA LEU A 42 14.04 15.48 -4.60
C LEU A 42 12.66 15.57 -5.24
N LEU A 43 12.30 14.50 -5.92
CA LEU A 43 10.99 14.34 -6.51
C LEU A 43 10.50 12.96 -6.07
N CYS A 44 9.34 12.93 -5.43
CA CYS A 44 8.76 11.69 -4.96
CA CYS A 44 8.74 11.68 -4.96
C CYS A 44 7.54 11.30 -5.80
N VAL A 45 7.53 10.04 -6.27
CA VAL A 45 6.42 9.52 -7.07
C VAL A 45 5.48 8.77 -6.13
N GLY A 46 4.29 9.32 -5.96
CA GLY A 46 3.30 8.79 -5.04
C GLY A 46 3.26 9.67 -3.79
N PHE A 47 2.06 9.90 -3.28
CA PHE A 47 1.92 10.51 -1.96
C PHE A 47 0.96 9.65 -1.13
N GLY A 48 1.36 8.40 -0.95
CA GLY A 48 0.71 7.51 -0.02
C GLY A 48 1.49 7.51 1.28
N PRO A 49 1.15 6.60 2.20
CA PRO A 49 1.79 6.53 3.52
C PRO A 49 3.32 6.62 3.49
N ALA A 50 3.95 5.92 2.55
CA ALA A 50 5.41 5.84 2.46
C ALA A 50 6.08 7.18 2.15
N SER A 51 5.54 7.90 1.16
CA SER A 51 6.02 9.24 0.84
C SER A 51 5.65 10.25 1.92
N LEU A 52 4.48 10.09 2.51
CA LEU A 52 4.02 10.96 3.59
C LEU A 52 4.97 10.89 4.78
N ALA A 53 5.41 9.68 5.10
CA ALA A 53 6.35 9.48 6.20
C ALA A 53 7.71 10.15 5.94
N ILE A 54 8.10 10.22 4.66
CA ILE A 54 9.31 10.96 4.27
C ILE A 54 9.10 12.47 4.41
N ALA A 55 7.96 12.97 3.95
CA ALA A 55 7.60 14.38 4.12
C ALA A 55 7.62 14.78 5.61
N ILE A 56 7.04 13.93 6.45
CA ILE A 56 7.00 14.15 7.90
C ILE A 56 8.40 14.15 8.51
N ALA A 57 9.22 13.19 8.10
CA ALA A 57 10.60 13.11 8.62
C ALA A 57 11.42 14.32 8.23
N LEU A 58 11.25 14.79 6.99
CA LEU A 58 11.95 15.98 6.51
C LEU A 58 11.52 17.23 7.28
N HIS A 59 10.22 17.38 7.50
CA HIS A 59 9.71 18.48 8.33
C HIS A 59 10.36 18.42 9.69
N ASP A 60 10.35 17.24 10.29
CA ASP A 60 10.93 17.04 11.60
C ASP A 60 12.44 17.34 11.65
N ALA A 61 13.18 16.88 10.63
CA ALA A 61 14.61 17.18 10.52
C ALA A 61 14.90 18.69 10.41
N LEU A 62 13.94 19.42 9.87
CA LEU A 62 14.07 20.88 9.69
C LEU A 62 13.46 21.68 10.84
N ASP A 63 12.85 20.98 11.79
CA ASP A 63 12.21 21.62 12.92
C ASP A 63 13.24 21.84 14.03
N PRO A 64 13.65 23.10 14.26
CA PRO A 64 14.66 23.41 15.28
C PRO A 64 14.16 23.09 16.70
N ARG A 65 12.88 22.83 16.83
CA ARG A 65 12.29 22.39 18.11
C ARG A 65 12.60 20.92 18.39
N LEU A 66 12.78 20.12 17.33
CA LEU A 66 13.08 18.70 17.48
C LEU A 66 14.53 18.35 17.16
N ASN A 67 15.11 19.08 16.22
CA ASN A 67 16.50 18.89 15.78
C ASN A 67 17.24 20.22 15.93
N LYS A 68 17.96 20.37 17.04
CA LYS A 68 18.60 21.64 17.41
C LYS A 68 19.50 22.24 16.33
N SER A 69 20.09 21.36 15.51
CA SER A 69 20.99 21.78 14.44
C SER A 69 20.29 22.54 13.29
N ALA A 70 18.98 22.34 13.17
CA ALA A 70 18.18 22.92 12.07
C ALA A 70 18.05 24.45 12.10
N SER A 71 18.68 25.09 13.08
CA SER A 71 18.72 26.56 13.14
C SER A 71 19.64 27.12 12.04
N ASN A 72 20.70 26.38 11.74
CA ASN A 72 21.68 26.77 10.73
C ASN A 72 21.26 26.39 9.30
N ILE A 73 20.29 25.48 9.18
CA ILE A 73 19.78 25.06 7.89
C ILE A 73 18.78 26.07 7.33
N ALA A 75 18.65 27.22 3.76
CA ALA A 75 17.79 27.16 2.59
C ALA A 75 16.97 25.87 2.55
N GLN A 76 15.70 26.00 2.20
CA GLN A 76 14.78 24.88 2.10
C GLN A 76 15.15 23.97 0.91
N PRO A 77 15.13 22.64 1.12
CA PRO A 77 15.31 21.73 -0.01
C PRO A 77 14.17 21.86 -1.02
N LYS A 78 14.49 21.76 -2.30
CA LYS A 78 13.50 21.84 -3.36
C LYS A 78 12.88 20.47 -3.60
N ILE A 79 11.66 20.29 -3.13
CA ILE A 79 10.99 19.00 -3.10
C ILE A 79 9.61 19.08 -3.75
N CYS A 80 9.17 17.97 -4.34
CA CYS A 80 7.83 17.87 -4.87
C CYS A 80 7.35 16.43 -4.82
N PHE A 81 6.08 16.25 -4.46
CA PHE A 81 5.45 14.94 -4.48
C PHE A 81 4.40 14.92 -5.58
N LEU A 82 4.40 13.85 -6.38
CA LEU A 82 3.39 13.68 -7.42
C LEU A 82 2.47 12.51 -7.10
N GLU A 83 1.17 12.76 -7.09
CA GLU A 83 0.17 11.78 -6.68
C GLU A 83 -0.95 11.74 -7.70
N ARG A 84 -1.30 10.54 -8.16
CA ARG A 84 -2.27 10.41 -9.26
C ARG A 84 -3.71 10.67 -8.83
N GLN A 85 -4.05 10.34 -7.58
CA GLN A 85 -5.36 10.65 -6.99
C GLN A 85 -5.58 12.17 -6.89
N LYS A 86 -6.84 12.59 -6.84
CA LYS A 86 -7.21 14.01 -6.84
C LYS A 86 -6.95 14.65 -5.48
N GLN A 87 -6.95 13.83 -4.44
CA GLN A 87 -6.66 14.27 -3.07
C GLN A 87 -6.18 13.05 -2.30
N PHE A 88 -5.61 13.28 -1.12
CA PHE A 88 -5.12 12.17 -0.31
C PHE A 88 -6.25 11.18 0.02
N ALA A 89 -5.95 9.90 -0.17
CA ALA A 89 -6.87 8.83 0.16
C ALA A 89 -6.06 7.57 0.44
N TRP A 90 -6.59 6.70 1.29
CA TRP A 90 -5.88 5.49 1.65
C TRP A 90 -6.74 4.27 1.45
N HIS A 91 -6.41 3.51 0.40
CA HIS A 91 -7.16 2.32 0.01
C HIS A 91 -8.66 2.52 0.16
N SER A 92 -9.18 3.52 -0.54
CA SER A 92 -10.58 3.95 -0.39
C SER A 92 -11.57 2.87 -0.82
N GLY A 93 -11.18 2.05 -1.80
CA GLY A 93 -12.00 0.92 -2.26
C GLY A 93 -12.21 -0.15 -1.20
N MET A 94 -11.39 -0.11 -0.14
CA MET A 94 -11.49 -1.08 0.94
C MET A 94 -11.73 -0.44 2.31
N LEU A 95 -12.25 0.78 2.31
CA LEU A 95 -12.70 1.41 3.55
C LEU A 95 -14.03 0.81 4.01
N VAL A 96 -14.03 -0.51 4.18
CA VAL A 96 -15.21 -1.26 4.60
C VAL A 96 -15.68 -0.72 5.97
N PRO A 97 -17.00 -0.50 6.12
CA PRO A 97 -17.53 -0.07 7.41
C PRO A 97 -17.15 -1.07 8.49
N GLY A 98 -16.69 -0.54 9.63
CA GLY A 98 -16.26 -1.37 10.75
C GLY A 98 -14.85 -1.92 10.66
N SER A 99 -14.23 -1.83 9.49
CA SER A 99 -12.89 -2.38 9.32
C SER A 99 -11.85 -1.67 10.20
N LYS A 100 -10.94 -2.45 10.76
CA LYS A 100 -9.98 -1.95 11.74
C LYS A 100 -8.56 -2.05 11.24
N MET A 101 -7.69 -1.24 11.83
CA MET A 101 -6.25 -1.38 11.64
C MET A 101 -5.77 -2.72 12.17
N GLN A 102 -4.76 -3.29 11.51
CA GLN A 102 -4.16 -4.53 11.98
C GLN A 102 -2.81 -4.25 12.64
N ILE A 103 -2.60 -3.00 13.02
CA ILE A 103 -1.32 -2.57 13.59
C ILE A 103 -1.55 -1.56 14.72
N SER A 104 -0.75 -1.67 15.78
CA SER A 104 -0.84 -0.75 16.91
C SER A 104 -0.66 0.70 16.45
N PHE A 105 -1.44 1.60 17.04
CA PHE A 105 -1.40 3.02 16.66
C PHE A 105 -0.04 3.66 16.97
N ILE A 106 0.71 3.03 17.87
CA ILE A 106 2.08 3.46 18.18
C ILE A 106 2.98 3.42 16.94
N LYS A 107 2.68 2.47 16.04
CA LYS A 107 3.39 2.37 14.76
C LYS A 107 2.79 3.29 13.71
N ASP A 108 2.51 4.53 14.12
CA ASP A 108 2.04 5.57 13.22
C ASP A 108 3.20 6.14 12.40
N LEU A 109 3.00 7.31 11.80
CA LEU A 109 3.99 7.83 10.86
C LEU A 109 5.15 8.61 11.48
N ALA A 110 5.14 8.76 12.81
CA ALA A 110 6.21 9.51 13.48
C ALA A 110 6.74 8.92 14.80
N THR A 111 5.88 8.27 15.57
CA THR A 111 6.17 7.96 16.99
C THR A 111 7.45 7.14 17.24
N LEU A 112 7.65 6.08 16.47
CA LEU A 112 8.80 5.20 16.68
C LEU A 112 10.13 5.90 16.38
N ARG A 113 10.07 6.98 15.61
CA ARG A 113 11.25 7.81 15.36
C ARG A 113 11.38 8.92 16.43
N ASP A 114 10.27 9.56 16.75
CA ASP A 114 10.25 10.64 17.74
C ASP A 114 8.84 10.86 18.28
N PRO A 115 8.58 10.44 19.53
CA PRO A 115 7.27 10.64 20.17
C PRO A 115 6.91 12.11 20.40
N ARG A 116 7.90 13.01 20.29
CA ARG A 116 7.68 14.44 20.48
C ARG A 116 7.15 15.13 19.21
N SER A 117 7.13 14.39 18.10
CA SER A 117 6.67 14.92 16.81
C SER A 117 5.22 15.37 16.85
N SER A 118 4.91 16.46 16.14
CA SER A 118 3.54 16.94 16.05
C SER A 118 2.71 16.07 15.11
N PHE A 119 3.36 15.13 14.42
CA PHE A 119 2.66 14.26 13.49
C PHE A 119 2.31 12.88 14.06
N THR A 120 2.32 12.76 15.38
CA THR A 120 1.92 11.50 16.02
C THR A 120 0.40 11.33 16.01
N PHE A 121 -0.07 10.09 16.04
CA PHE A 121 -1.50 9.79 16.13
C PHE A 121 -2.14 10.45 17.36
N LEU A 122 -1.45 10.41 18.50
CA LEU A 122 -1.96 11.01 19.72
C LEU A 122 -2.04 12.54 19.63
N ASN A 123 -1.07 13.16 18.97
CA ASN A 123 -1.14 14.61 18.77
C ASN A 123 -2.28 14.99 17.83
N TYR A 124 -2.49 14.18 16.80
CA TYR A 124 -3.65 14.32 15.91
C TYR A 124 -4.96 14.28 16.72
N LEU A 125 -5.10 13.29 17.60
CA LEU A 125 -6.28 13.15 18.45
C LEU A 125 -6.46 14.34 19.38
N HIS A 126 -5.34 14.87 19.89
CA HIS A 126 -5.36 16.06 20.72
C HIS A 126 -5.84 17.25 19.94
N GLN A 127 -5.29 17.45 18.75
CA GLN A 127 -5.70 18.53 17.86
C GLN A 127 -7.18 18.46 17.47
N LYS A 128 -7.72 17.23 17.45
CA LYS A 128 -9.12 16.99 17.08
C LYS A 128 -10.10 17.06 18.27
N GLY A 129 -9.57 17.10 19.48
CA GLY A 129 -10.41 17.12 20.67
C GLY A 129 -10.95 15.73 21.03
N ARG A 130 -10.26 14.69 20.55
CA ARG A 130 -10.70 13.31 20.75
C ARG A 130 -9.77 12.45 21.61
N LEU A 131 -8.68 13.04 22.12
CA LEU A 131 -7.67 12.24 22.82
C LEU A 131 -8.24 11.47 24.03
N ILE A 132 -8.99 12.17 24.90
CA ILE A 132 -9.58 11.51 26.06
C ILE A 132 -10.61 10.45 25.64
N HIS A 133 -11.32 10.72 24.56
CA HIS A 133 -12.35 9.82 24.07
C HIS A 133 -11.77 8.55 23.47
N PHE A 134 -10.63 8.66 22.81
CA PHE A 134 -9.98 7.49 22.25
C PHE A 134 -9.41 6.63 23.37
N THR A 135 -8.81 7.31 24.36
CA THR A 135 -8.25 6.67 25.53
C THR A 135 -9.27 5.74 26.22
N ASN A 136 -10.52 6.19 26.30
CA ASN A 136 -11.60 5.41 26.92
C ASN A 136 -12.06 4.15 26.16
N LEU A 137 -11.58 3.98 24.93
CA LEU A 137 -11.88 2.79 24.15
C LEU A 137 -11.01 1.61 24.54
N SER A 138 -9.87 1.89 25.17
CA SER A 138 -8.85 0.89 25.48
C SER A 138 -8.56 -0.01 24.29
N THR A 139 -8.15 0.58 23.18
CA THR A 139 -7.82 -0.17 21.97
C THR A 139 -6.56 0.38 21.32
N PHE A 140 -5.72 -0.51 20.80
CA PHE A 140 -4.56 -0.09 20.03
C PHE A 140 -4.89 0.01 18.54
N LEU A 141 -6.08 -0.43 18.16
CA LEU A 141 -6.44 -0.62 16.76
C LEU A 141 -7.57 0.31 16.34
N PRO A 142 -7.24 1.50 15.81
CA PRO A 142 -8.28 2.42 15.33
C PRO A 142 -8.99 1.87 14.10
N ALA A 143 -10.21 2.36 13.84
CA ALA A 143 -10.90 2.09 12.59
C ALA A 143 -10.07 2.61 11.43
N ARG A 144 -10.08 1.89 10.31
CA ARG A 144 -9.34 2.33 9.13
C ARG A 144 -9.77 3.72 8.68
N LEU A 145 -11.06 4.00 8.82
CA LEU A 145 -11.63 5.33 8.58
C LEU A 145 -10.91 6.39 9.40
N GLU A 146 -10.71 6.12 10.69
CA GLU A 146 -10.02 7.07 11.58
C GLU A 146 -8.55 7.24 11.22
N PHE A 147 -7.87 6.13 10.93
CA PHE A 147 -6.45 6.19 10.60
C PHE A 147 -6.20 6.86 9.26
N GLU A 148 -7.13 6.70 8.31
CA GLU A 148 -7.06 7.45 7.06
C GLU A 148 -7.17 8.95 7.33
N ASP A 149 -8.11 9.34 8.18
CA ASP A 149 -8.28 10.75 8.52
C ASP A 149 -7.04 11.32 9.21
N TYR A 150 -6.43 10.53 10.09
CA TYR A 150 -5.14 10.89 10.69
C TYR A 150 -4.09 11.20 9.62
N MET A 151 -3.98 10.31 8.63
CA MET A 151 -2.99 10.49 7.56
C MET A 151 -3.38 11.65 6.65
N ARG A 152 -4.68 11.85 6.45
CA ARG A 152 -5.21 13.00 5.69
C ARG A 152 -4.86 14.32 6.37
N TRP A 153 -5.06 14.37 7.68
CA TRP A 153 -4.69 15.52 8.51
C TRP A 153 -3.20 15.82 8.42
N CYS A 154 -2.38 14.77 8.45
CA CYS A 154 -0.95 14.89 8.22
C CYS A 154 -0.66 15.44 6.81
N ALA A 155 -1.25 14.80 5.80
CA ALA A 155 -0.99 15.11 4.39
C ALA A 155 -1.34 16.55 4.00
N GLN A 156 -2.43 17.08 4.58
CA GLN A 156 -2.89 18.43 4.29
C GLN A 156 -1.89 19.52 4.65
N GLN A 157 -0.98 19.20 5.57
CA GLN A 157 0.06 20.14 5.99
C GLN A 157 1.21 20.24 4.98
N PHE A 158 1.18 19.39 3.95
CA PHE A 158 2.17 19.43 2.87
C PHE A 158 1.57 19.76 1.51
N SER A 159 0.38 20.39 1.50
CA SER A 159 -0.34 20.66 0.24
C SER A 159 0.42 21.58 -0.73
N ASP A 160 1.30 22.43 -0.20
CA ASP A 160 2.13 23.32 -1.02
C ASP A 160 3.19 22.58 -1.85
N VAL A 161 3.57 21.38 -1.44
CA VAL A 161 4.63 20.62 -2.12
C VAL A 161 4.14 19.31 -2.75
N VAL A 162 2.82 19.16 -2.83
CA VAL A 162 2.23 17.97 -3.44
C VAL A 162 1.39 18.38 -4.65
N ALA A 163 1.64 17.75 -5.80
CA ALA A 163 0.79 17.94 -6.97
C ALA A 163 -0.12 16.72 -7.18
N TYR A 164 -1.40 16.90 -6.83
CA TYR A 164 -2.42 15.87 -7.00
C TYR A 164 -2.94 15.85 -8.44
N GLY A 165 -3.59 14.75 -8.80
CA GLY A 165 -4.08 14.55 -10.17
C GLY A 165 -2.97 14.47 -11.19
N GLU A 166 -1.81 13.99 -10.75
CA GLU A 166 -0.65 13.85 -11.64
C GLU A 166 -0.13 12.43 -11.62
N GLU A 167 -0.28 11.74 -12.75
CA GLU A 167 0.16 10.36 -12.85
C GLU A 167 1.51 10.29 -13.56
N VAL A 168 2.55 9.94 -12.80
CA VAL A 168 3.88 9.78 -13.36
C VAL A 168 3.87 8.64 -14.38
N VAL A 169 4.42 8.91 -15.57
CA VAL A 169 4.42 7.92 -16.66
C VAL A 169 5.82 7.47 -17.07
N GLU A 170 6.85 8.27 -16.77
CA GLU A 170 8.24 7.86 -17.01
C GLU A 170 9.30 8.72 -16.31
N VAL A 171 10.45 8.10 -16.06
CA VAL A 171 11.62 8.75 -15.51
C VAL A 171 12.73 8.63 -16.55
N ILE A 172 13.26 9.78 -16.98
CA ILE A 172 14.24 9.84 -18.07
C ILE A 172 15.58 10.42 -17.56
N PRO A 173 16.71 9.78 -17.94
CA PRO A 173 18.00 10.31 -17.50
C PRO A 173 18.32 11.65 -18.17
N GLY A 174 19.03 12.50 -17.44
CA GLY A 174 19.45 13.80 -17.96
C GLY A 174 20.92 14.07 -17.70
N LYS A 175 21.53 14.85 -18.59
CA LYS A 175 22.93 15.21 -18.49
C LYS A 175 23.06 16.71 -18.62
N SER A 176 23.59 17.35 -17.57
CA SER A 176 23.80 18.81 -17.60
C SER A 176 24.81 19.19 -18.66
N ASP A 177 25.72 18.25 -18.97
CA ASP A 177 26.60 18.35 -20.14
C ASP A 177 26.25 17.19 -21.10
N PRO A 178 25.40 17.47 -22.11
CA PRO A 178 24.92 16.47 -23.06
C PRO A 178 26.02 15.78 -23.89
N SER A 179 27.15 16.45 -24.07
CA SER A 179 28.28 15.84 -24.78
C SER A 179 29.07 14.88 -23.88
N SER A 180 28.86 14.95 -22.57
CA SER A 180 29.50 14.03 -21.63
C SER A 180 28.72 12.71 -21.58
N SER A 181 29.30 11.72 -20.90
CA SER A 181 28.66 10.41 -20.76
C SER A 181 28.18 10.15 -19.33
N VAL A 182 28.07 11.22 -18.55
CA VAL A 182 27.65 11.13 -17.15
C VAL A 182 26.26 11.75 -16.93
N VAL A 183 25.37 10.97 -16.34
CA VAL A 183 24.03 11.40 -15.94
C VAL A 183 24.09 12.04 -14.54
N ASP A 184 23.49 13.22 -14.40
CA ASP A 184 23.49 13.95 -13.12
C ASP A 184 22.15 14.55 -12.72
N PHE A 185 21.10 14.27 -13.49
CA PHE A 185 19.73 14.57 -13.10
C PHE A 185 18.74 13.62 -13.76
N PHE A 186 17.48 13.70 -13.35
CA PHE A 186 16.40 12.93 -13.94
C PHE A 186 15.21 13.82 -14.25
N THR A 187 14.57 13.56 -15.37
CA THR A 187 13.33 14.22 -15.74
C THR A 187 12.17 13.28 -15.43
N VAL A 188 11.19 13.80 -14.72
CA VAL A 188 9.98 13.05 -14.38
C VAL A 188 8.80 13.61 -15.16
N ARG A 189 8.20 12.77 -16.00
CA ARG A 189 7.06 13.16 -16.81
C ARG A 189 5.78 12.59 -16.19
N SER A 190 4.79 13.46 -16.02
CA SER A 190 3.50 13.06 -15.44
C SER A 190 2.32 13.55 -16.29
N ARG A 191 1.26 12.74 -16.30
CA ARG A 191 0.05 13.05 -17.05
C ARG A 191 -1.02 13.59 -16.10
N ASN A 192 -1.56 14.76 -16.42
CA ASN A 192 -2.72 15.31 -15.73
C ASN A 192 -3.93 14.41 -15.98
N VAL A 193 -4.50 13.89 -14.91
CA VAL A 193 -5.60 12.90 -15.01
C VAL A 193 -6.89 13.48 -15.59
N GLU A 194 -7.05 14.81 -15.49
CA GLU A 194 -8.23 15.49 -16.01
C GLU A 194 -8.03 15.93 -17.47
N THR A 195 -6.90 16.61 -17.73
CA THR A 195 -6.64 17.24 -19.03
C THR A 195 -5.81 16.36 -19.98
N GLY A 196 -5.09 15.39 -19.44
CA GLY A 196 -4.26 14.50 -20.26
C GLY A 196 -2.92 15.08 -20.68
N GLU A 197 -2.66 16.32 -20.25
CA GLU A 197 -1.43 17.04 -20.57
C GLU A 197 -0.22 16.45 -19.85
N ILE A 198 0.92 16.42 -20.54
CA ILE A 198 2.18 15.95 -19.97
C ILE A 198 3.00 17.11 -19.44
N SER A 199 3.40 17.02 -18.18
CA SER A 199 4.29 17.99 -17.53
C SER A 199 5.61 17.31 -17.14
N ALA A 200 6.70 18.06 -17.23
CA ALA A 200 8.01 17.56 -16.83
C ALA A 200 8.58 18.35 -15.66
N ARG A 201 9.25 17.64 -14.76
CA ARG A 201 10.03 18.26 -13.68
C ARG A 201 11.38 17.56 -13.57
N ARG A 202 12.45 18.35 -13.48
CA ARG A 202 13.79 17.81 -13.34
C ARG A 202 14.26 17.84 -11.89
N THR A 203 14.90 16.74 -11.48
CA THR A 203 15.39 16.55 -10.13
C THR A 203 16.72 15.80 -10.12
N ARG A 204 17.51 16.03 -9.07
CA ARG A 204 18.72 15.25 -8.88
C ARG A 204 18.38 13.84 -8.38
N LYS A 205 17.39 13.75 -7.50
CA LYS A 205 17.03 12.49 -6.86
C LYS A 205 15.55 12.15 -6.98
N VAL A 206 15.26 10.86 -7.19
CA VAL A 206 13.89 10.37 -7.33
C VAL A 206 13.58 9.30 -6.29
N VAL A 207 12.41 9.41 -5.67
CA VAL A 207 11.85 8.33 -4.84
C VAL A 207 10.61 7.81 -5.56
N ILE A 208 10.50 6.49 -5.68
CA ILE A 208 9.31 5.84 -6.21
C ILE A 208 8.58 5.07 -5.11
N ALA A 209 7.44 5.60 -4.69
CA ALA A 209 6.66 5.01 -3.62
C ALA A 209 5.21 4.90 -4.08
N ILE A 210 4.98 3.95 -4.96
CA ILE A 210 3.71 3.83 -5.68
C ILE A 210 2.83 2.66 -5.25
N GLY A 211 3.23 1.97 -4.17
CA GLY A 211 2.44 0.86 -3.64
C GLY A 211 2.31 -0.26 -4.66
N GLY A 212 1.15 -0.92 -4.65
CA GLY A 212 0.92 -2.07 -5.53
C GLY A 212 -0.21 -1.91 -6.52
N THR A 213 -0.26 -2.83 -7.48
CA THR A 213 -1.34 -2.88 -8.47
C THR A 213 -2.12 -4.18 -8.28
N ALA A 214 -3.41 -4.12 -8.58
CA ALA A 214 -4.32 -5.26 -8.41
C ALA A 214 -3.80 -6.53 -9.10
N LYS A 215 -3.69 -7.62 -8.33
CA LYS A 215 -3.33 -8.91 -8.89
C LYS A 215 -4.59 -9.71 -9.20
N MET A 216 -4.78 -10.02 -10.47
CA MET A 216 -5.90 -10.85 -10.92
C MET A 216 -5.37 -12.19 -11.40
N PRO A 217 -6.10 -13.28 -11.10
CA PRO A 217 -5.74 -14.59 -11.66
C PRO A 217 -5.83 -14.55 -13.18
N SER A 218 -4.84 -15.14 -13.85
CA SER A 218 -4.77 -15.09 -15.31
C SER A 218 -5.94 -15.80 -16.02
N GLY A 219 -6.56 -16.76 -15.33
CA GLY A 219 -7.64 -17.56 -15.93
C GLY A 219 -8.98 -16.85 -16.07
N LEU A 220 -9.19 -15.81 -15.26
CA LEU A 220 -10.46 -15.06 -15.27
C LEU A 220 -10.52 -14.05 -16.43
N PRO A 221 -11.70 -13.95 -17.07
CA PRO A 221 -11.89 -12.97 -18.15
C PRO A 221 -12.28 -11.59 -17.62
N GLN A 222 -12.07 -10.57 -18.45
CA GLN A 222 -12.50 -9.20 -18.14
C GLN A 222 -14.02 -9.10 -18.26
N ASP A 223 -14.64 -8.49 -17.25
CA ASP A 223 -16.09 -8.32 -17.19
C ASP A 223 -16.40 -7.27 -16.11
N PRO A 224 -17.36 -6.37 -16.37
CA PRO A 224 -17.79 -5.39 -15.37
C PRO A 224 -18.25 -6.02 -14.04
N ARG A 225 -18.66 -7.28 -14.08
CA ARG A 225 -19.17 -7.98 -12.90
C ARG A 225 -18.07 -8.73 -12.13
N ILE A 226 -16.84 -8.66 -12.65
CA ILE A 226 -15.68 -9.25 -11.99
C ILE A 226 -14.79 -8.10 -11.54
N ILE A 227 -14.72 -7.91 -10.22
CA ILE A 227 -14.11 -6.71 -9.65
C ILE A 227 -13.10 -7.07 -8.57
N HIS A 228 -11.91 -6.50 -8.66
CA HIS A 228 -10.87 -6.69 -7.66
C HIS A 228 -11.25 -6.03 -6.36
N SER A 229 -10.80 -6.61 -5.25
CA SER A 229 -11.12 -6.11 -3.90
C SER A 229 -10.80 -4.63 -3.71
N SER A 230 -9.72 -4.16 -4.35
CA SER A 230 -9.31 -2.77 -4.29
C SER A 230 -10.39 -1.79 -4.77
N LYS A 231 -11.35 -2.29 -5.53
CA LYS A 231 -12.42 -1.45 -6.09
C LYS A 231 -13.80 -1.74 -5.49
N TYR A 232 -13.80 -2.41 -4.33
CA TYR A 232 -15.02 -2.88 -3.69
C TYR A 232 -16.01 -1.76 -3.29
N CYS A 233 -15.53 -0.79 -2.51
CA CYS A 233 -16.40 0.27 -1.97
C CYS A 233 -16.77 1.30 -3.03
N THR A 234 -15.88 1.50 -3.99
CA THR A 234 -16.01 2.55 -4.98
C THR A 234 -16.82 2.15 -6.22
N THR A 235 -16.77 0.89 -6.62
CA THR A 235 -17.36 0.48 -7.91
C THR A 235 -18.48 -0.56 -7.84
N LEU A 236 -18.50 -1.39 -6.79
CA LEU A 236 -19.58 -2.38 -6.64
C LEU A 236 -21.00 -1.79 -6.43
N PRO A 237 -21.15 -0.71 -5.63
CA PRO A 237 -22.49 -0.14 -5.47
C PRO A 237 -23.06 0.46 -6.77
N ALA A 238 -22.18 0.89 -7.67
CA ALA A 238 -22.58 1.37 -9.00
C ALA A 238 -23.13 0.22 -9.85
N LEU A 239 -22.62 -0.98 -9.64
CA LEU A 239 -23.08 -2.17 -10.37
C LEU A 239 -24.37 -2.74 -9.78
N LEU A 240 -24.38 -2.93 -8.46
CA LEU A 240 -25.53 -3.49 -7.76
C LEU A 240 -26.18 -2.39 -6.93
N LYS A 241 -27.08 -1.65 -7.57
CA LYS A 241 -27.60 -0.40 -7.02
C LYS A 241 -28.70 -0.59 -5.96
N ASP A 242 -29.38 -1.73 -5.98
CA ASP A 242 -30.50 -1.96 -5.07
C ASP A 242 -30.10 -2.84 -3.89
N LYS A 243 -29.91 -2.21 -2.73
CA LYS A 243 -29.45 -2.89 -1.51
C LYS A 243 -30.43 -3.90 -0.95
N SER A 244 -31.66 -3.91 -1.49
CA SER A 244 -32.70 -4.82 -1.03
C SER A 244 -32.86 -6.07 -1.91
N LYS A 245 -32.36 -6.00 -3.15
CA LYS A 245 -32.49 -7.09 -4.12
C LYS A 245 -31.71 -8.35 -3.73
N PRO A 246 -32.28 -9.54 -4.03
CA PRO A 246 -31.57 -10.79 -3.70
C PRO A 246 -30.51 -11.16 -4.74
N TYR A 247 -29.37 -10.46 -4.71
CA TYR A 247 -28.26 -10.77 -5.60
C TYR A 247 -27.50 -12.00 -5.15
N ASN A 248 -26.93 -12.72 -6.11
CA ASN A 248 -25.93 -13.74 -5.79
C ASN A 248 -24.55 -13.12 -6.02
N ILE A 249 -23.74 -13.07 -4.95
CA ILE A 249 -22.41 -12.48 -5.04
C ILE A 249 -21.36 -13.45 -4.51
N ALA A 250 -20.39 -13.79 -5.37
CA ALA A 250 -19.29 -14.66 -4.98
C ALA A 250 -18.06 -13.83 -4.61
N VAL A 251 -17.20 -14.42 -3.77
CA VAL A 251 -15.95 -13.80 -3.34
C VAL A 251 -14.86 -14.86 -3.48
N LEU A 252 -13.77 -14.53 -4.16
CA LEU A 252 -12.66 -15.45 -4.35
C LEU A 252 -11.46 -15.03 -3.53
N GLY A 253 -10.96 -15.96 -2.71
CA GLY A 253 -9.82 -15.68 -1.86
C GLY A 253 -10.08 -16.11 -0.43
N SER A 254 -9.05 -16.05 0.40
CA SER A 254 -9.17 -16.46 1.79
C SER A 254 -8.31 -15.63 2.74
N GLY A 255 -7.79 -14.50 2.23
CA GLY A 255 -7.05 -13.56 3.08
C GLY A 255 -7.97 -12.53 3.72
N GLN A 256 -7.37 -11.54 4.37
CA GLN A 256 -8.10 -10.51 5.12
C GLN A 256 -9.16 -9.78 4.27
N SER A 257 -8.78 -9.39 3.06
CA SER A 257 -9.68 -8.68 2.15
C SER A 257 -10.91 -9.52 1.78
N ALA A 258 -10.69 -10.80 1.52
CA ALA A 258 -11.78 -11.73 1.19
C ALA A 258 -12.79 -11.86 2.32
N ALA A 259 -12.27 -12.04 3.53
CA ALA A 259 -13.10 -12.17 4.72
C ALA A 259 -13.86 -10.89 5.01
N GLU A 260 -13.15 -9.75 4.97
CA GLU A 260 -13.79 -8.45 5.15
C GLU A 260 -14.95 -8.22 4.17
N ILE A 261 -14.73 -8.49 2.89
CA ILE A 261 -15.76 -8.31 1.86
C ILE A 261 -16.94 -9.28 2.07
N PHE A 262 -16.63 -10.56 2.23
CA PHE A 262 -17.63 -11.60 2.50
C PHE A 262 -18.54 -11.23 3.66
N HIS A 263 -17.94 -10.77 4.76
CA HIS A 263 -18.67 -10.34 5.93
C HIS A 263 -19.47 -9.08 5.68
N ASP A 264 -18.89 -8.12 4.95
CA ASP A 264 -19.55 -6.83 4.70
C ASP A 264 -20.76 -6.96 3.78
N LEU A 265 -20.63 -7.79 2.74
CA LEU A 265 -21.73 -8.02 1.79
C LEU A 265 -23.02 -8.44 2.48
N GLN A 266 -22.89 -9.28 3.50
CA GLN A 266 -24.03 -9.76 4.26
C GLN A 266 -24.75 -8.62 5.01
N LYS A 267 -23.99 -7.59 5.40
CA LYS A 267 -24.57 -6.39 6.02
C LYS A 267 -25.13 -5.45 4.96
N ARG A 268 -24.33 -5.19 3.92
CA ARG A 268 -24.69 -4.24 2.88
C ARG A 268 -25.87 -4.71 2.01
N TYR A 269 -25.92 -6.01 1.72
CA TYR A 269 -27.01 -6.60 0.95
C TYR A 269 -27.69 -7.71 1.76
N PRO A 270 -28.63 -7.34 2.66
CA PRO A 270 -29.24 -8.27 3.61
C PRO A 270 -29.97 -9.48 3.00
N ASN A 271 -30.49 -9.31 1.79
CA ASN A 271 -31.23 -10.39 1.11
C ASN A 271 -30.40 -11.16 0.08
N SER A 272 -29.10 -10.89 0.04
CA SER A 272 -28.22 -11.48 -0.95
C SER A 272 -27.79 -12.89 -0.57
N ARG A 273 -27.34 -13.65 -1.56
CA ARG A 273 -26.75 -14.96 -1.33
C ARG A 273 -25.26 -14.92 -1.67
N THR A 274 -24.42 -14.93 -0.63
CA THR A 274 -22.98 -14.78 -0.79
C THR A 274 -22.27 -16.11 -0.71
N THR A 275 -21.19 -16.24 -1.48
CA THR A 275 -20.39 -17.46 -1.51
C THR A 275 -18.91 -17.10 -1.48
N LEU A 276 -18.18 -17.71 -0.55
CA LEU A 276 -16.74 -17.53 -0.47
C LEU A 276 -16.05 -18.75 -1.08
N ILE A 277 -15.29 -18.52 -2.14
CA ILE A 277 -14.56 -19.56 -2.82
C ILE A 277 -13.08 -19.45 -2.45
N MET A 278 -12.51 -20.55 -1.96
CA MET A 278 -11.09 -20.61 -1.62
C MET A 278 -10.45 -21.94 -2.03
N ARG A 279 -9.19 -21.88 -2.42
CA ARG A 279 -8.46 -23.10 -2.77
C ARG A 279 -7.90 -23.80 -1.54
N ASP A 280 -7.63 -23.03 -0.48
CA ASP A 280 -7.24 -23.58 0.82
C ASP A 280 -8.45 -24.25 1.48
N SER A 281 -8.19 -25.11 2.45
CA SER A 281 -9.23 -25.81 3.19
C SER A 281 -9.96 -24.94 4.22
N ALA A 282 -9.33 -23.84 4.65
CA ALA A 282 -9.92 -22.97 5.66
C ALA A 282 -9.25 -21.61 5.72
N MET A 283 -10.00 -20.61 6.18
CA MET A 283 -9.43 -19.34 6.62
C MET A 283 -8.50 -19.59 7.81
N ARG A 284 -7.31 -19.01 7.75
CA ARG A 284 -6.32 -19.20 8.79
C ARG A 284 -5.98 -17.88 9.47
N PRO A 285 -5.72 -17.92 10.78
CA PRO A 285 -5.50 -16.67 11.51
C PRO A 285 -4.11 -16.10 11.27
N SER A 286 -4.03 -14.77 11.20
CA SER A 286 -2.75 -14.09 11.17
C SER A 286 -2.03 -14.32 12.50
N ASP A 287 -0.72 -14.47 12.40
CA ASP A 287 0.14 -14.62 13.56
C ASP A 287 0.61 -13.24 14.01
N ASP A 288 0.10 -12.81 15.16
CA ASP A 288 0.56 -11.54 15.76
C ASP A 288 1.18 -11.75 17.14
N SER A 289 1.50 -13.01 17.44
CA SER A 289 2.16 -13.38 18.69
C SER A 289 3.47 -12.58 18.86
N PRO A 290 3.82 -12.23 20.10
CA PRO A 290 4.86 -11.22 20.34
C PRO A 290 6.29 -11.57 19.87
N PHE A 291 6.75 -12.81 20.02
CA PHE A 291 8.11 -13.18 19.57
C PHE A 291 8.26 -13.14 18.05
N VAL A 292 7.36 -13.82 17.33
CA VAL A 292 7.34 -13.78 15.86
C VAL A 292 7.20 -12.35 15.35
N ASN A 293 6.30 -11.58 15.96
CA ASN A 293 6.03 -10.20 15.57
C ASN A 293 7.22 -9.23 15.63
N GLU A 294 8.29 -9.65 16.29
CA GLU A 294 9.52 -8.85 16.39
C GLU A 294 10.24 -8.69 15.05
N ILE A 295 9.89 -9.53 14.06
CA ILE A 295 10.41 -9.38 12.69
C ILE A 295 10.03 -8.02 12.10
N PHE A 296 9.00 -7.40 12.68
CA PHE A 296 8.53 -6.08 12.24
C PHE A 296 9.22 -4.90 12.92
N ASN A 297 10.03 -5.17 13.94
CA ASN A 297 10.81 -4.11 14.60
C ASN A 297 11.73 -3.39 13.60
N PRO A 298 11.85 -2.05 13.71
CA PRO A 298 12.71 -1.28 12.80
C PRO A 298 14.17 -1.75 12.82
N GLU A 299 14.67 -2.09 14.00
CA GLU A 299 16.04 -2.58 14.20
C GLU A 299 16.34 -3.82 13.35
N ARG A 300 15.30 -4.59 13.04
CA ARG A 300 15.47 -5.90 12.40
C ARG A 300 15.73 -5.83 10.90
N VAL A 301 15.46 -4.69 10.28
CA VAL A 301 15.77 -4.44 8.87
C VAL A 301 17.26 -4.70 8.57
N ASP A 302 18.14 -4.19 9.43
CA ASP A 302 19.59 -4.45 9.32
C ASP A 302 19.91 -5.94 9.30
N LYS A 303 19.29 -6.69 10.22
CA LYS A 303 19.53 -8.13 10.35
C LYS A 303 19.00 -8.88 9.12
N PHE A 304 17.79 -8.53 8.68
CA PHE A 304 17.21 -9.17 7.52
C PHE A 304 17.99 -8.87 6.23
N TYR A 305 18.36 -7.61 6.03
CA TYR A 305 19.06 -7.19 4.81
C TYR A 305 20.41 -7.91 4.67
N SER A 306 21.09 -8.10 5.79
CA SER A 306 22.46 -8.64 5.78
C SER A 306 22.53 -10.15 5.58
N GLN A 307 21.39 -10.82 5.49
CA GLN A 307 21.33 -12.25 5.18
C GLN A 307 21.48 -12.53 3.68
N SER A 308 21.79 -13.78 3.35
CA SER A 308 21.90 -14.23 1.95
C SER A 308 20.53 -14.32 1.28
N ALA A 309 20.53 -14.47 -0.04
CA ALA A 309 19.30 -14.63 -0.82
C ALA A 309 18.47 -15.82 -0.35
N ALA A 310 19.14 -16.94 -0.10
CA ALA A 310 18.49 -18.17 0.39
C ALA A 310 17.90 -17.98 1.79
N GLU A 311 18.67 -17.36 2.68
CA GLU A 311 18.20 -17.12 4.05
C GLU A 311 17.00 -16.17 4.10
N ARG A 312 17.02 -15.14 3.26
CA ARG A 312 15.94 -14.17 3.17
C ARG A 312 14.66 -14.81 2.65
N GLN A 313 14.81 -15.65 1.63
CA GLN A 313 13.69 -16.40 1.05
C GLN A 313 13.06 -17.36 2.07
N ARG A 314 13.92 -18.14 2.74
CA ARG A 314 13.50 -19.08 3.79
C ARG A 314 12.81 -18.38 4.97
N SER A 315 13.34 -17.21 5.33
CA SER A 315 12.78 -16.41 6.43
C SER A 315 11.38 -15.88 6.08
N LEU A 316 11.23 -15.38 4.85
CA LEU A 316 9.95 -14.91 4.32
C LEU A 316 8.87 -15.99 4.35
N LEU A 317 9.27 -17.21 3.97
CA LEU A 317 8.35 -18.35 3.94
C LEU A 317 7.95 -18.74 5.36
N ALA A 318 8.95 -18.80 6.26
CA ALA A 318 8.73 -19.20 7.65
C ALA A 318 7.78 -18.28 8.40
N ASP A 319 7.75 -17.01 8.02
CA ASP A 319 6.95 -16.01 8.73
C ASP A 319 5.74 -15.53 7.94
N LYS A 320 5.43 -16.25 6.86
CA LYS A 320 4.36 -15.88 5.93
C LYS A 320 3.01 -15.61 6.61
N ALA A 321 2.68 -16.40 7.63
CA ALA A 321 1.41 -16.29 8.35
C ALA A 321 1.21 -14.97 9.13
N THR A 322 2.23 -14.12 9.15
CA THR A 322 2.11 -12.80 9.78
C THR A 322 1.36 -11.81 8.90
N ASN A 323 1.34 -12.05 7.59
CA ASN A 323 0.83 -11.07 6.64
C ASN A 323 0.02 -11.63 5.48
N TYR A 324 0.44 -12.75 4.91
CA TYR A 324 -0.14 -13.25 3.66
C TYR A 324 -1.18 -14.35 3.83
N SER A 325 -2.28 -14.21 3.10
CA SER A 325 -3.39 -15.18 3.09
C SER A 325 -3.88 -15.53 4.49
N VAL A 326 -3.96 -14.52 5.35
CA VAL A 326 -4.38 -14.72 6.74
C VAL A 326 -5.45 -13.71 7.14
N VAL A 327 -6.26 -14.09 8.13
CA VAL A 327 -7.36 -13.27 8.60
C VAL A 327 -7.22 -13.06 10.11
N ARG A 328 -7.55 -11.85 10.58
CA ARG A 328 -7.53 -11.57 12.02
C ARG A 328 -8.44 -12.56 12.73
N LEU A 329 -7.95 -13.15 13.82
CA LEU A 329 -8.71 -14.15 14.58
C LEU A 329 -10.15 -13.71 14.87
N GLU A 330 -10.30 -12.50 15.41
CA GLU A 330 -11.62 -11.94 15.78
C GLU A 330 -12.62 -12.02 14.62
N LEU A 331 -12.16 -11.70 13.40
CA LEU A 331 -13.04 -11.74 12.22
C LEU A 331 -13.41 -13.18 11.82
N ILE A 332 -12.45 -14.10 11.86
CA ILE A 332 -12.74 -15.52 11.64
C ILE A 332 -13.82 -16.02 12.61
N GLU A 333 -13.67 -15.67 13.88
CA GLU A 333 -14.63 -16.06 14.92
C GLU A 333 -16.03 -15.51 14.65
N GLU A 334 -16.11 -14.26 14.21
CA GLU A 334 -17.39 -13.64 13.90
C GLU A 334 -18.07 -14.35 12.72
N ILE A 335 -17.31 -14.60 11.64
CA ILE A 335 -17.84 -15.27 10.47
C ILE A 335 -18.28 -16.69 10.80
N TYR A 336 -17.45 -17.41 11.55
CA TYR A 336 -17.79 -18.76 12.02
C TYR A 336 -19.09 -18.75 12.83
N ASN A 337 -19.23 -17.78 13.72
CA ASN A 337 -20.44 -17.63 14.52
C ASN A 337 -21.69 -17.40 13.66
N ASP A 338 -21.57 -16.54 12.66
CA ASP A 338 -22.63 -16.32 11.69
C ASP A 338 -23.03 -17.64 10.99
N MET A 339 -22.03 -18.44 10.64
CA MET A 339 -22.27 -19.76 10.02
C MET A 339 -23.01 -20.69 10.98
N TYR A 340 -22.60 -20.70 12.24
CA TYR A 340 -23.26 -21.54 13.23
C TYR A 340 -24.71 -21.16 13.43
N LEU A 341 -25.00 -19.86 13.45
CA LEU A 341 -26.39 -19.39 13.57
C LEU A 341 -27.26 -19.85 12.40
N GLN A 342 -26.68 -19.90 11.20
CA GLN A 342 -27.36 -20.49 10.04
C GLN A 342 -27.65 -21.97 10.29
N ARG A 343 -26.72 -22.69 10.91
CA ARG A 343 -26.93 -24.10 11.24
C ARG A 343 -28.09 -24.31 12.23
N VAL A 344 -28.18 -23.44 13.22
CA VAL A 344 -29.29 -23.44 14.18
C VAL A 344 -30.64 -23.34 13.46
N LYS A 345 -30.74 -22.40 12.51
CA LYS A 345 -31.98 -22.18 11.77
C LYS A 345 -32.28 -23.30 10.76
N ASN A 346 -31.23 -23.86 10.18
CA ASN A 346 -31.37 -24.90 9.17
C ASN A 346 -30.15 -25.82 9.15
N PRO A 347 -30.35 -27.11 9.47
CA PRO A 347 -29.25 -28.09 9.49
C PRO A 347 -28.75 -28.49 8.09
N ASP A 348 -29.50 -28.13 7.05
CA ASP A 348 -29.12 -28.42 5.66
C ASP A 348 -28.30 -27.28 5.08
N GLU A 349 -26.98 -27.51 5.02
CA GLU A 349 -26.00 -26.50 4.58
C GLU A 349 -26.24 -25.96 3.17
N THR A 350 -26.82 -26.78 2.29
CA THR A 350 -27.08 -26.36 0.91
C THR A 350 -28.16 -25.30 0.80
N GLN A 351 -28.92 -25.09 1.88
CA GLN A 351 -29.98 -24.10 1.90
C GLN A 351 -29.54 -22.80 2.57
N TRP A 352 -28.29 -22.74 3.00
CA TRP A 352 -27.81 -21.55 3.71
C TRP A 352 -27.71 -20.38 2.79
N GLN A 353 -28.13 -19.23 3.29
CA GLN A 353 -28.08 -17.97 2.56
C GLN A 353 -26.63 -17.61 2.21
N HIS A 354 -25.72 -17.80 3.16
CA HIS A 354 -24.32 -17.51 2.95
C HIS A 354 -23.50 -18.75 3.17
N ARG A 355 -22.63 -19.05 2.22
CA ARG A 355 -21.89 -20.31 2.22
C ARG A 355 -20.40 -20.09 1.95
N ILE A 356 -19.58 -21.03 2.43
CA ILE A 356 -18.15 -21.06 2.15
C ILE A 356 -17.84 -22.34 1.41
N LEU A 357 -17.13 -22.23 0.28
CA LEU A 357 -16.80 -23.40 -0.53
C LEU A 357 -15.29 -23.62 -0.59
N PRO A 358 -14.76 -24.40 0.37
CA PRO A 358 -13.33 -24.64 0.52
C PRO A 358 -12.77 -25.61 -0.51
N GLU A 359 -11.45 -25.60 -0.66
CA GLU A 359 -10.72 -26.50 -1.56
C GLU A 359 -11.34 -26.53 -2.96
N ARG A 360 -11.54 -25.34 -3.52
CA ARG A 360 -12.10 -25.21 -4.85
C ARG A 360 -11.39 -24.16 -5.70
N LYS A 361 -11.43 -24.38 -7.01
CA LYS A 361 -10.90 -23.42 -7.99
C LYS A 361 -11.89 -23.20 -9.13
N ILE A 362 -11.95 -21.96 -9.62
CA ILE A 362 -12.76 -21.63 -10.79
C ILE A 362 -12.07 -22.16 -12.03
N THR A 363 -12.79 -22.93 -12.85
CA THR A 363 -12.26 -23.48 -14.10
C THR A 363 -12.85 -22.80 -15.33
N ARG A 364 -14.09 -22.32 -15.24
CA ARG A 364 -14.74 -21.64 -16.34
C ARG A 364 -15.72 -20.57 -15.87
N VAL A 365 -15.72 -19.43 -16.56
CA VAL A 365 -16.69 -18.37 -16.32
C VAL A 365 -17.51 -18.10 -17.59
N GLU A 366 -18.80 -18.43 -17.55
CA GLU A 366 -19.72 -18.08 -18.62
C GLU A 366 -20.29 -16.70 -18.34
N HIS A 367 -20.09 -15.77 -19.28
CA HIS A 367 -20.45 -14.38 -19.07
C HIS A 367 -20.94 -13.70 -20.33
N HIS A 368 -21.37 -14.50 -21.30
CA HIS A 368 -21.93 -13.99 -22.56
C HIS A 368 -23.42 -14.25 -22.65
N GLY A 369 -23.98 -14.83 -21.59
CA GLY A 369 -25.39 -15.20 -21.56
C GLY A 369 -26.34 -14.01 -21.51
N PRO A 370 -27.58 -14.19 -21.99
CA PRO A 370 -28.58 -13.11 -21.97
C PRO A 370 -29.03 -12.79 -20.56
N GLN A 371 -28.69 -13.69 -19.62
CA GLN A 371 -28.93 -13.53 -18.20
C GLN A 371 -28.08 -12.40 -17.62
N SER A 372 -28.53 -11.84 -16.50
CA SER A 372 -27.77 -10.82 -15.76
C SER A 372 -26.67 -11.51 -14.95
N ARG A 373 -26.82 -12.81 -14.74
CA ARG A 373 -25.90 -13.58 -13.92
C ARG A 373 -24.86 -14.34 -14.74
N MET A 374 -23.63 -14.34 -14.25
CA MET A 374 -22.56 -15.15 -14.82
C MET A 374 -22.67 -16.55 -14.26
N ARG A 375 -22.10 -17.52 -14.98
CA ARG A 375 -22.11 -18.90 -14.54
C ARG A 375 -20.68 -19.35 -14.24
N ILE A 376 -20.41 -19.59 -12.96
CA ILE A 376 -19.06 -19.95 -12.51
C ILE A 376 -18.95 -21.45 -12.23
N HIS A 377 -18.03 -22.10 -12.95
CA HIS A 377 -17.80 -23.53 -12.82
C HIS A 377 -16.66 -23.80 -11.87
N LEU A 378 -16.86 -24.76 -10.98
CA LEU A 378 -15.89 -25.05 -9.93
C LEU A 378 -15.43 -26.50 -9.94
N LYS A 379 -14.13 -26.68 -9.70
CA LYS A 379 -13.54 -27.99 -9.46
C LYS A 379 -12.77 -27.98 -8.14
N SER A 380 -12.37 -29.18 -7.70
CA SER A 380 -11.52 -29.34 -6.54
C SER A 380 -10.17 -28.67 -6.77
N SER A 381 -9.57 -28.13 -5.70
CA SER A 381 -8.26 -27.53 -5.78
C SER A 381 -7.15 -28.56 -5.54
N LYS A 382 -7.56 -29.77 -5.13
CA LYS A 382 -6.64 -30.89 -4.90
C LYS A 382 -6.10 -31.43 -6.22
N PRO A 383 -4.77 -31.57 -6.34
CA PRO A 383 -4.14 -32.12 -7.55
C PRO A 383 -4.12 -33.65 -7.59
N LYS A 393 -17.02 -30.10 -9.65
CA LYS A 393 -17.99 -29.92 -8.58
C LYS A 393 -19.20 -29.07 -9.04
N GLU A 394 -19.61 -28.11 -8.21
CA GLU A 394 -20.85 -27.36 -8.49
C GLU A 394 -20.71 -26.21 -9.50
N THR A 395 -21.85 -25.58 -9.80
CA THR A 395 -21.92 -24.40 -10.66
C THR A 395 -22.65 -23.28 -9.91
N LEU A 396 -22.09 -22.07 -9.99
CA LEU A 396 -22.71 -20.91 -9.33
C LEU A 396 -23.23 -19.88 -10.34
N GLU A 397 -24.45 -19.39 -10.10
CA GLU A 397 -24.99 -18.29 -10.88
C GLU A 397 -24.94 -17.02 -10.04
N VAL A 398 -24.10 -16.08 -10.45
CA VAL A 398 -23.85 -14.87 -9.65
C VAL A 398 -23.96 -13.56 -10.44
N ASP A 399 -24.33 -12.49 -9.74
CA ASP A 399 -24.45 -11.17 -10.34
C ASP A 399 -23.12 -10.44 -10.33
N ALA A 400 -22.26 -10.80 -9.40
CA ALA A 400 -20.95 -10.17 -9.25
C ALA A 400 -19.95 -11.12 -8.60
N LEU A 401 -18.69 -11.01 -9.01
CA LEU A 401 -17.60 -11.76 -8.42
C LEU A 401 -16.54 -10.80 -7.91
N MET A 402 -16.37 -10.77 -6.58
CA MET A 402 -15.32 -9.99 -5.95
C MET A 402 -14.04 -10.82 -5.85
N VAL A 403 -12.94 -10.27 -6.36
CA VAL A 403 -11.68 -10.99 -6.46
C VAL A 403 -10.64 -10.41 -5.50
N ALA A 404 -10.46 -11.08 -4.37
CA ALA A 404 -9.57 -10.62 -3.32
C ALA A 404 -8.23 -11.36 -3.34
N THR A 405 -7.50 -11.18 -4.45
CA THR A 405 -6.32 -11.98 -4.75
C THR A 405 -4.98 -11.25 -4.59
N GLY A 406 -5.00 -10.09 -3.92
CA GLY A 406 -3.78 -9.39 -3.53
C GLY A 406 -3.20 -8.44 -4.57
N TYR A 407 -1.91 -8.14 -4.40
CA TYR A 407 -1.25 -7.11 -5.19
C TYR A 407 0.10 -7.57 -5.73
N ASN A 408 0.49 -7.00 -6.87
CA ASN A 408 1.86 -7.06 -7.34
C ASN A 408 2.54 -5.75 -7.03
N ARG A 409 3.85 -5.78 -6.84
CA ARG A 409 4.62 -4.56 -6.58
C ARG A 409 5.80 -4.46 -7.54
N ASN A 410 5.50 -4.50 -8.84
CA ASN A 410 6.50 -4.42 -9.89
C ASN A 410 6.28 -3.25 -10.85
N ALA A 411 5.35 -2.35 -10.52
CA ALA A 411 4.97 -1.26 -11.42
C ALA A 411 6.07 -0.20 -11.63
N HIS A 412 7.03 -0.15 -10.71
CA HIS A 412 8.19 0.74 -10.81
C HIS A 412 9.08 0.41 -11.99
N GLU A 413 9.05 -0.85 -12.42
CA GLU A 413 9.84 -1.30 -13.57
C GLU A 413 9.41 -0.67 -14.89
N ARG A 414 8.10 -0.47 -15.05
CA ARG A 414 7.57 0.23 -16.23
C ARG A 414 8.02 1.69 -16.24
N LEU A 415 8.00 2.34 -15.09
CA LEU A 415 8.42 3.74 -14.97
C LEU A 415 9.93 3.93 -15.18
N LEU A 416 10.72 2.89 -14.92
CA LEU A 416 12.18 3.00 -14.94
C LEU A 416 12.86 2.36 -16.15
N SER A 417 12.07 1.93 -17.14
CA SER A 417 12.62 1.20 -18.29
C SER A 417 13.70 1.98 -19.03
N LYS A 418 13.51 3.30 -19.16
CA LYS A 418 14.45 4.18 -19.85
C LYS A 418 15.71 4.53 -19.05
N VAL A 419 15.77 4.10 -17.80
CA VAL A 419 16.98 4.29 -16.99
C VAL A 419 17.71 2.96 -16.71
N GLN A 420 17.16 1.86 -17.21
CA GLN A 420 17.73 0.52 -17.04
C GLN A 420 19.20 0.43 -17.47
N HIS A 421 19.55 1.13 -18.54
CA HIS A 421 20.90 1.10 -19.10
C HIS A 421 21.96 1.71 -18.19
N LEU A 422 21.52 2.42 -17.16
CA LEU A 422 22.42 3.02 -16.16
C LEU A 422 22.82 2.04 -15.05
N ARG A 423 22.10 0.92 -14.96
CA ARG A 423 22.48 -0.19 -14.07
C ARG A 423 23.83 -0.75 -14.52
N PRO A 424 24.60 -1.34 -13.58
CA PRO A 424 25.82 -2.05 -13.99
C PRO A 424 25.53 -3.14 -15.03
N THR A 425 26.49 -3.36 -15.94
CA THR A 425 26.34 -4.29 -17.06
C THR A 425 25.71 -5.64 -16.67
N GLY A 426 24.76 -6.09 -17.48
CA GLY A 426 24.17 -7.43 -17.33
C GLY A 426 23.18 -7.58 -16.19
N GLN A 427 22.96 -6.51 -15.44
CA GLN A 427 22.03 -6.51 -14.32
C GLN A 427 20.64 -6.23 -14.87
N ASP A 428 19.74 -7.21 -14.73
CA ASP A 428 18.38 -7.08 -15.25
C ASP A 428 17.34 -6.94 -14.14
N GLN A 429 17.81 -6.69 -12.93
CA GLN A 429 16.94 -6.42 -11.79
C GLN A 429 17.47 -5.19 -11.06
N TRP A 430 16.56 -4.35 -10.56
CA TRP A 430 16.93 -3.23 -9.71
C TRP A 430 17.35 -3.76 -8.36
N LYS A 431 18.56 -3.40 -7.95
CA LYS A 431 19.08 -3.85 -6.65
C LYS A 431 19.12 -2.71 -5.63
N PRO A 432 18.18 -2.69 -4.69
CA PRO A 432 18.24 -1.63 -3.69
C PRO A 432 19.29 -1.90 -2.62
N HIS A 433 20.07 -0.87 -2.28
CA HIS A 433 21.00 -0.95 -1.14
C HIS A 433 20.21 -0.95 0.14
N ARG A 434 20.91 -1.09 1.27
CA ARG A 434 20.26 -1.00 2.59
C ARG A 434 19.48 0.31 2.75
N ASP A 435 20.05 1.42 2.27
CA ASP A 435 19.41 2.73 2.35
C ASP A 435 18.39 2.98 1.22
N TYR A 436 18.01 1.93 0.49
CA TYR A 436 16.93 1.94 -0.52
C TYR A 436 17.29 2.57 -1.87
N ARG A 437 18.49 3.15 -1.96
CA ARG A 437 19.03 3.68 -3.21
C ARG A 437 19.45 2.51 -4.12
N VAL A 438 18.91 2.47 -5.34
CA VAL A 438 19.24 1.40 -6.28
C VAL A 438 20.67 1.53 -6.80
N GLU A 439 21.29 0.39 -7.08
CA GLU A 439 22.64 0.37 -7.61
C GLU A 439 22.64 0.88 -9.05
N MET A 440 23.58 1.78 -9.33
CA MET A 440 23.82 2.24 -10.69
C MET A 440 25.32 2.26 -10.95
N ASP A 441 25.70 2.18 -12.22
CA ASP A 441 27.10 2.25 -12.63
C ASP A 441 27.68 3.60 -12.23
N PRO A 442 28.66 3.61 -11.30
CA PRO A 442 29.34 4.81 -10.80
C PRO A 442 29.97 5.67 -11.90
N SER A 443 30.30 5.07 -13.04
CA SER A 443 30.93 5.81 -14.13
C SER A 443 29.90 6.35 -15.13
N LYS A 444 28.63 5.99 -14.93
CA LYS A 444 27.54 6.50 -15.77
C LYS A 444 26.70 7.52 -15.02
N VAL A 445 26.68 7.41 -13.69
CA VAL A 445 25.82 8.25 -12.86
C VAL A 445 26.62 8.96 -11.76
N SER A 446 26.55 10.29 -11.79
CA SER A 446 27.13 11.15 -10.77
C SER A 446 26.65 10.80 -9.35
N SER A 447 27.52 11.03 -8.38
CA SER A 447 27.23 10.76 -6.97
C SER A 447 26.08 11.61 -6.43
N GLU A 448 25.80 12.74 -7.08
CA GLU A 448 24.70 13.63 -6.69
C GLU A 448 23.32 13.16 -7.17
N ALA A 449 23.31 12.22 -8.11
CA ALA A 449 22.06 11.71 -8.67
C ALA A 449 21.78 10.28 -8.21
N GLY A 450 20.50 9.94 -8.08
CA GLY A 450 20.11 8.61 -7.67
C GLY A 450 18.61 8.38 -7.62
N ILE A 451 18.24 7.10 -7.55
CA ILE A 451 16.84 6.69 -7.48
C ILE A 451 16.65 5.75 -6.30
N TRP A 452 15.63 6.03 -5.48
CA TRP A 452 15.30 5.21 -4.32
C TRP A 452 13.98 4.51 -4.55
N LEU A 453 13.88 3.28 -4.05
CA LEU A 453 12.64 2.52 -4.11
C LEU A 453 12.05 2.35 -2.71
N GLN A 454 10.73 2.47 -2.61
CA GLN A 454 10.03 2.32 -1.33
C GLN A 454 8.80 1.42 -1.48
N GLY A 455 8.67 0.46 -0.58
CA GLY A 455 7.45 -0.36 -0.50
C GLY A 455 7.40 -1.58 -1.40
N CYS A 456 8.41 -1.73 -2.26
CA CYS A 456 8.50 -2.87 -3.17
C CYS A 456 9.70 -3.76 -2.87
N ASN A 457 10.29 -3.59 -1.68
CA ASN A 457 11.57 -4.21 -1.35
C ASN A 457 11.54 -5.38 -0.35
N GLU A 458 10.40 -6.06 -0.26
CA GLU A 458 10.22 -7.16 0.70
C GLU A 458 11.35 -8.19 0.65
N ARG A 459 11.77 -8.55 -0.57
CA ARG A 459 12.80 -9.57 -0.80
C ARG A 459 14.17 -9.24 -0.20
N THR A 460 14.47 -7.95 -0.09
CA THR A 460 15.76 -7.50 0.46
C THR A 460 15.65 -6.94 1.88
N HIS A 461 14.47 -6.43 2.24
CA HIS A 461 14.28 -5.68 3.48
C HIS A 461 13.34 -6.29 4.48
N GLY A 462 12.53 -7.27 4.07
CA GLY A 462 11.66 -8.00 4.99
C GLY A 462 10.18 -7.75 4.82
N LEU A 463 9.38 -8.42 5.64
CA LEU A 463 7.91 -8.36 5.56
C LEU A 463 7.32 -7.02 6.00
N SER A 464 8.10 -6.22 6.72
CA SER A 464 7.64 -4.90 7.13
C SER A 464 7.70 -3.84 6.01
N ASP A 465 8.33 -4.18 4.90
CA ASP A 465 8.59 -3.21 3.81
C ASP A 465 7.33 -2.58 3.20
N SER A 466 6.33 -3.40 2.92
CA SER A 466 5.11 -2.93 2.26
C SER A 466 4.06 -2.39 3.23
N LEU A 467 4.37 -2.48 4.52
CA LEU A 467 3.41 -2.17 5.58
C LEU A 467 3.67 -0.80 6.23
N LEU A 468 2.92 -0.50 7.29
CA LEU A 468 3.11 0.74 8.04
C LEU A 468 4.16 0.59 9.14
N SER A 469 4.57 -0.65 9.41
CA SER A 469 5.40 -1.02 10.57
C SER A 469 6.63 -0.16 10.84
N VAL A 470 7.40 0.12 9.79
CA VAL A 470 8.69 0.81 9.95
C VAL A 470 8.77 2.19 9.28
N LEU A 471 7.63 2.72 8.84
CA LEU A 471 7.58 3.96 8.06
C LEU A 471 8.16 5.20 8.75
N ALA A 472 7.86 5.36 10.04
CA ALA A 472 8.39 6.48 10.82
C ALA A 472 9.92 6.48 10.82
N VAL A 473 10.50 5.33 11.16
CA VAL A 473 11.94 5.16 11.22
C VAL A 473 12.53 5.22 9.82
N ARG A 474 11.91 4.53 8.88
CA ARG A 474 12.38 4.52 7.49
C ARG A 474 12.39 5.92 6.88
N GLY A 475 11.33 6.67 7.13
CA GLY A 475 11.26 8.08 6.69
C GLY A 475 12.49 8.85 7.16
N GLY A 476 12.87 8.65 8.42
CA GLY A 476 14.06 9.28 8.99
C GLY A 476 15.35 8.84 8.32
N GLU A 477 15.47 7.54 8.05
CA GLU A 477 16.63 7.00 7.32
C GLU A 477 16.70 7.59 5.92
N MET A 478 15.54 7.68 5.26
CA MET A 478 15.47 8.18 3.90
C MET A 478 15.90 9.65 3.79
N VAL A 479 15.45 10.46 4.74
CA VAL A 479 15.85 11.87 4.82
C VAL A 479 17.36 12.00 5.04
N GLN A 480 17.93 11.11 5.85
CA GLN A 480 19.38 11.09 6.06
C GLN A 480 20.12 10.68 4.78
N SER A 481 19.61 9.66 4.10
CA SER A 481 20.20 9.16 2.86
C SER A 481 20.20 10.22 1.76
N ILE A 482 19.06 10.89 1.59
CA ILE A 482 18.86 11.84 0.50
C ILE A 482 19.42 13.25 0.79
N PHE A 483 19.16 13.76 2.00
CA PHE A 483 19.53 15.13 2.36
C PHE A 483 20.69 15.23 3.35
N GLY A 484 21.41 14.11 3.55
CA GLY A 484 22.52 14.04 4.51
C GLY A 484 23.53 15.16 4.43
N GLU A 485 24.02 15.44 3.21
CA GLU A 485 25.02 16.48 2.98
C GLU A 485 24.59 17.85 3.51
N GLN A 486 23.41 18.30 3.13
CA GLN A 486 22.85 19.58 3.58
C GLN A 486 22.63 19.62 5.10
N LEU A 487 22.06 18.53 5.62
CA LEU A 487 21.80 18.41 7.06
C LEU A 487 23.07 18.39 7.93
N GLU A 488 24.18 17.93 7.35
CA GLU A 488 25.46 17.89 8.05
C GLU A 488 26.07 19.29 8.17
N ARG A 489 25.93 20.09 7.11
CA ARG A 489 26.40 21.48 7.11
C ARG A 489 25.76 22.29 8.25
N ALA A 490 24.49 21.99 8.55
CA ALA A 490 23.80 22.58 9.70
C ALA A 490 24.27 21.94 11.01
N ALA A 491 24.49 20.63 10.99
CA ALA A 491 24.95 19.89 12.16
C ALA A 491 26.38 20.24 12.55
#